data_3SGN
# 
_entry.id   3SGN 
# 
_audit_conform.dict_name       mmcif_pdbx.dic 
_audit_conform.dict_version    5.403 
_audit_conform.dict_location   http://mmcif.pdb.org/dictionaries/ascii/mmcif_pdbx.dic 
# 
loop_
_database_2.database_id 
_database_2.database_code 
_database_2.pdbx_database_accession 
_database_2.pdbx_DOI 
PDB   3SGN         pdb_00003sgn 10.2210/pdb3sgn/pdb 
RCSB  RCSB066178   ?            ?                   
WWPDB D_1000066178 ?            ?                   
# 
loop_
_pdbx_audit_revision_history.ordinal 
_pdbx_audit_revision_history.data_content_type 
_pdbx_audit_revision_history.major_revision 
_pdbx_audit_revision_history.minor_revision 
_pdbx_audit_revision_history.revision_date 
_pdbx_audit_revision_history.part_number 
1 'Structure model' 1 0 2012-03-21 ? 
2 'Structure model' 1 1 2025-03-26 ? 
# 
_pdbx_audit_revision_details.ordinal             1 
_pdbx_audit_revision_details.revision_ordinal    1 
_pdbx_audit_revision_details.data_content_type   'Structure model' 
_pdbx_audit_revision_details.provider            repository 
_pdbx_audit_revision_details.type                'Initial release' 
_pdbx_audit_revision_details.description         ? 
_pdbx_audit_revision_details.details             ? 
# 
loop_
_pdbx_audit_revision_group.ordinal 
_pdbx_audit_revision_group.revision_ordinal 
_pdbx_audit_revision_group.data_content_type 
_pdbx_audit_revision_group.group 
1 2 'Structure model' 'Data collection'      
2 2 'Structure model' 'Database references'  
3 2 'Structure model' 'Derived calculations' 
4 2 'Structure model' 'Structure summary'    
# 
loop_
_pdbx_audit_revision_category.ordinal 
_pdbx_audit_revision_category.revision_ordinal 
_pdbx_audit_revision_category.data_content_type 
_pdbx_audit_revision_category.category 
1 2 'Structure model' chem_comp_atom            
2 2 'Structure model' chem_comp_bond            
3 2 'Structure model' database_2                
4 2 'Structure model' pdbx_entry_details        
5 2 'Structure model' pdbx_modification_feature 
6 2 'Structure model' struct_conn               
# 
loop_
_pdbx_audit_revision_item.ordinal 
_pdbx_audit_revision_item.revision_ordinal 
_pdbx_audit_revision_item.data_content_type 
_pdbx_audit_revision_item.item 
1 2 'Structure model' '_database_2.pdbx_DOI'                
2 2 'Structure model' '_database_2.pdbx_database_accession' 
3 2 'Structure model' '_struct_conn.pdbx_leaving_atom_flag' 
# 
_pdbx_database_status.entry_id                        3SGN 
_pdbx_database_status.status_code                     REL 
_pdbx_database_status.deposit_site                    RCSB 
_pdbx_database_status.process_site                    RCSB 
_pdbx_database_status.recvd_initial_deposition_date   2011-06-15 
_pdbx_database_status.status_code_sf                  REL 
_pdbx_database_status.status_code_mr                  ? 
_pdbx_database_status.SG_entry                        ? 
_pdbx_database_status.status_code_cs                  ? 
_pdbx_database_status.pdb_format_compatible           Y 
_pdbx_database_status.status_code_nmr_data            ? 
_pdbx_database_status.methods_development_category    ? 
# 
loop_
_pdbx_database_related.db_name 
_pdbx_database_related.db_id 
_pdbx_database_related.details 
_pdbx_database_related.content_type 
PDB 3SGM 'Bromoderivative-2 of amyloid-related segment of alphaB-crystallin residues 90-100'         unspecified 
PDB 3SGO 'Amyloid-related segment of alphaB-crystallin residues 90-100'                              unspecified 
PDB 3SGP 'Amyloid-related segment of alphaB-crystallin residues 90-100 mutant V91L'                  unspecified 
PDB 3SGR 'Tandem repeat of amyloid-related segment of alphaB-crystallin residues 90-100 mutant V91L' unspecified 
PDB 3SGS 'Amyloid-related segment of alphaB-crystallin residues 95-100'                              unspecified 
# 
loop_
_audit_author.name 
_audit_author.pdbx_ordinal 
'Laganowsky, A.' 1 
'Sawaya, M.R.'   2 
'Cascio, D.'     3 
'Eisenberg, D.'  4 
# 
_citation.id                        primary 
_citation.title                     'Atomic view of a toxic amyloid small oligomer.' 
_citation.journal_abbrev            Science 
_citation.journal_volume            335 
_citation.page_first                1228 
_citation.page_last                 1231 
_citation.year                      2012 
_citation.journal_id_ASTM           SCIEAS 
_citation.country                   US 
_citation.journal_id_ISSN           0036-8075 
_citation.journal_id_CSD            0038 
_citation.book_publisher            ? 
_citation.pdbx_database_id_PubMed   22403391 
_citation.pdbx_database_id_DOI      10.1126/science.1213151 
# 
loop_
_citation_author.citation_id 
_citation_author.name 
_citation_author.ordinal 
_citation_author.identifier_ORCID 
primary 'Laganowsky, A.'   1  ? 
primary 'Liu, C.'          2  ? 
primary 'Sawaya, M.R.'     3  ? 
primary 'Whitelegge, J.P.' 4  ? 
primary 'Park, J.'         5  ? 
primary 'Zhao, M.'         6  ? 
primary 'Pensalfini, A.'   7  ? 
primary 'Soriaga, A.B.'    8  ? 
primary 'Landau, M.'       9  ? 
primary 'Teng, P.K.'       10 ? 
primary 'Cascio, D.'       11 ? 
primary 'Glabe, C.'        12 ? 
primary 'Eisenberg, D.'    13 ? 
# 
loop_
_entity.id 
_entity.type 
_entity.src_method 
_entity.pdbx_description 
_entity.formula_weight 
_entity.pdbx_number_of_molecules 
_entity.pdbx_ec 
_entity.pdbx_mutation 
_entity.pdbx_fragment 
_entity.details 
1 polymer syn 'Alpha-crystallin B chain' 1277.348 2 ? ? ? ? 
2 water   nat water                      18.015   2 ? ? ? ? 
# 
_entity_name_com.entity_id   1 
_entity_name_com.name        
'Alpha(B)-crystallin, Heat shock protein beta-5, HspB5, Renal carcinoma antigen NY-REN-27, Rosenthal fiber component' 
# 
_entity_poly.entity_id                      1 
_entity_poly.type                           'polypeptide(L)' 
_entity_poly.nstd_linkage                   no 
_entity_poly.nstd_monomer                   yes 
_entity_poly.pdbx_seq_one_letter_code       'KVKVLGD(A8E)IEV' 
_entity_poly.pdbx_seq_one_letter_code_can   KVKVLGDXIEV 
_entity_poly.pdbx_strand_id                 A,B 
_entity_poly.pdbx_target_identifier         ? 
# 
_pdbx_entity_nonpoly.entity_id   2 
_pdbx_entity_nonpoly.name        water 
_pdbx_entity_nonpoly.comp_id     HOH 
# 
loop_
_entity_poly_seq.entity_id 
_entity_poly_seq.num 
_entity_poly_seq.mon_id 
_entity_poly_seq.hetero 
1 1  LYS n 
1 2  VAL n 
1 3  LYS n 
1 4  VAL n 
1 5  LEU n 
1 6  GLY n 
1 7  ASP n 
1 8  A8E n 
1 9  ILE n 
1 10 GLU n 
1 11 VAL n 
# 
_pdbx_entity_src_syn.entity_id              1 
_pdbx_entity_src_syn.pdbx_src_id            1 
_pdbx_entity_src_syn.pdbx_alt_source_flag   sample 
_pdbx_entity_src_syn.pdbx_beg_seq_num       ? 
_pdbx_entity_src_syn.pdbx_end_seq_num       ? 
_pdbx_entity_src_syn.organism_scientific    'Homo sapiens' 
_pdbx_entity_src_syn.organism_common_name   human 
_pdbx_entity_src_syn.ncbi_taxonomy_id       9606 
_pdbx_entity_src_syn.details                'synthetic peptide' 
# 
loop_
_chem_comp.id 
_chem_comp.type 
_chem_comp.mon_nstd_flag 
_chem_comp.name 
_chem_comp.pdbx_synonyms 
_chem_comp.formula 
_chem_comp.formula_weight 
A8E 'L-peptide linking' n '(2S)-2-amino-4-bromopent-4-enoic acid' ? 'C5 H8 Br N O2'  194.027 
ASP 'L-peptide linking' y 'ASPARTIC ACID'                         ? 'C4 H7 N O4'     133.103 
GLU 'L-peptide linking' y 'GLUTAMIC ACID'                         ? 'C5 H9 N O4'     147.129 
GLY 'peptide linking'   y GLYCINE                                 ? 'C2 H5 N O2'     75.067  
HOH non-polymer         . WATER                                   ? 'H2 O'           18.015  
ILE 'L-peptide linking' y ISOLEUCINE                              ? 'C6 H13 N O2'    131.173 
LEU 'L-peptide linking' y LEUCINE                                 ? 'C6 H13 N O2'    131.173 
LYS 'L-peptide linking' y LYSINE                                  ? 'C6 H15 N2 O2 1' 147.195 
VAL 'L-peptide linking' y VALINE                                  ? 'C5 H11 N O2'    117.146 
# 
loop_
_pdbx_poly_seq_scheme.asym_id 
_pdbx_poly_seq_scheme.entity_id 
_pdbx_poly_seq_scheme.seq_id 
_pdbx_poly_seq_scheme.mon_id 
_pdbx_poly_seq_scheme.ndb_seq_num 
_pdbx_poly_seq_scheme.pdb_seq_num 
_pdbx_poly_seq_scheme.auth_seq_num 
_pdbx_poly_seq_scheme.pdb_mon_id 
_pdbx_poly_seq_scheme.auth_mon_id 
_pdbx_poly_seq_scheme.pdb_strand_id 
_pdbx_poly_seq_scheme.pdb_ins_code 
_pdbx_poly_seq_scheme.hetero 
A 1 1  LYS 1  1  1  LYS LYS A . n 
A 1 2  VAL 2  2  2  VAL VAL A . n 
A 1 3  LYS 3  3  3  LYS LYS A . n 
A 1 4  VAL 4  4  4  VAL VAL A . n 
A 1 5  LEU 5  5  5  LEU LEU A . n 
A 1 6  GLY 6  6  6  GLY GLY A . n 
A 1 7  ASP 7  7  7  ASP ASP A . n 
A 1 8  A8E 8  8  8  A8E A8E A . n 
A 1 9  ILE 9  9  9  ILE ILE A . n 
A 1 10 GLU 10 10 10 GLU GLU A . n 
A 1 11 VAL 11 11 11 VAL VAL A . n 
B 1 1  LYS 1  1  1  LYS LYS B . n 
B 1 2  VAL 2  2  2  VAL VAL B . n 
B 1 3  LYS 3  3  3  LYS LYS B . n 
B 1 4  VAL 4  4  4  VAL VAL B . n 
B 1 5  LEU 5  5  5  LEU LEU B . n 
B 1 6  GLY 6  6  6  GLY GLY B . n 
B 1 7  ASP 7  7  7  ASP ASP B . n 
B 1 8  A8E 8  8  8  A8E A8E B . n 
B 1 9  ILE 9  9  9  ILE ILE B . n 
B 1 10 GLU 10 10 10 GLU GLU B . n 
B 1 11 VAL 11 11 11 VAL VAL B . n 
# 
loop_
_pdbx_nonpoly_scheme.asym_id 
_pdbx_nonpoly_scheme.entity_id 
_pdbx_nonpoly_scheme.mon_id 
_pdbx_nonpoly_scheme.ndb_seq_num 
_pdbx_nonpoly_scheme.pdb_seq_num 
_pdbx_nonpoly_scheme.auth_seq_num 
_pdbx_nonpoly_scheme.pdb_mon_id 
_pdbx_nonpoly_scheme.auth_mon_id 
_pdbx_nonpoly_scheme.pdb_strand_id 
_pdbx_nonpoly_scheme.pdb_ins_code 
C 2 HOH 1 13 13 HOH HOH A . 
C 2 HOH 2 14 14 HOH HOH A . 
# 
loop_
_software.pdbx_ordinal 
_software.name 
_software.version 
_software.date 
_software.type 
_software.contact_author 
_software.contact_author_email 
_software.classification 
_software.location 
_software.language 
_software.citation_id 
1 DENZO       .         ?               program 'Zbyszek Otwinowski'  hkl@hkl-xray.com             'data reduction'  
http://www.hkl-xray.com/                  ?          ? 
2 SCALEPACK   .         ?               program 'Zbyszek Otwinowski'  hkl@hkl-xray.com             'data scaling'    
http://www.hkl-xray.com/                  ?          ? 
3 SHELX       .         ?               package 'George M. Sheldrick' gsheldr@shelx.uni-ac.gwdg.de phasing           
http://shelx.uni-ac.gwdg.de/SHELX/        Fortran_77 ? 
4 PHENIX      1.7.1_743 ?               package 'Paul D. Adams'       PDAdams@lbl.gov              refinement        
http://www.phenix-online.org/             C++        ? 
5 PDB_EXTRACT 3.10      'June 10, 2010' package PDB                   deposit@deposit.rcsb.org     'data extraction' 
http://sw-tools.pdb.org/apps/PDB_EXTRACT/ C++        ? 
6 SHELXD      .         ?               ?       ?                     ?                            phasing           ? ?          
? 
# 
_cell.entry_id           3SGN 
_cell.length_a           70.342 
_cell.length_b           70.342 
_cell.length_c           70.342 
_cell.angle_alpha        90.00 
_cell.angle_beta         90.00 
_cell.angle_gamma        90.00 
_cell.Z_PDB              48 
_cell.pdbx_unique_axis   ? 
_cell.length_a_esd       ? 
_cell.length_b_esd       ? 
_cell.length_c_esd       ? 
_cell.angle_alpha_esd    ? 
_cell.angle_beta_esd     ? 
_cell.angle_gamma_esd    ? 
# 
_symmetry.entry_id                         3SGN 
_symmetry.space_group_name_H-M             'I 21 3' 
_symmetry.pdbx_full_space_group_name_H-M   ? 
_symmetry.cell_setting                     ? 
_symmetry.Int_Tables_number                199 
_symmetry.space_group_name_Hall            ? 
# 
_exptl.entry_id          3SGN 
_exptl.method            'X-RAY DIFFRACTION' 
_exptl.crystals_number   1 
# 
_exptl_crystal.id                    1 
_exptl_crystal.density_meas          ? 
_exptl_crystal.density_Matthews      5.68 
_exptl_crystal.density_percent_sol   78.3 
_exptl_crystal.description           ? 
_exptl_crystal.F_000                 ? 
_exptl_crystal.preparation           ? 
# 
_exptl_crystal_grow.crystal_id      1 
_exptl_crystal_grow.method          'VAPOR DIFFUSION, HANGING DROP' 
_exptl_crystal_grow.temp            298 
_exptl_crystal_grow.temp_details    ? 
_exptl_crystal_grow.pH              7.5 
_exptl_crystal_grow.pdbx_pH_range   ? 
_exptl_crystal_grow.pdbx_details    
'0.1M HEPES pH 7.5, 30% MPD, 0.2M SODIUM CITRATE, vapor diffusion, hanging drop, temperature 298K' 
# 
_diffrn.id                     1 
_diffrn.ambient_temp           100 
_diffrn.ambient_temp_details   ? 
_diffrn.crystal_id             1 
# 
_diffrn_detector.diffrn_id              1 
_diffrn_detector.detector               CCD 
_diffrn_detector.type                   'ADSC QUANTUM 315' 
_diffrn_detector.pdbx_collection_date   2009-03-01 
_diffrn_detector.details                ? 
# 
_diffrn_radiation.diffrn_id                        1 
_diffrn_radiation.wavelength_id                    1 
_diffrn_radiation.pdbx_monochromatic_or_laue_m_l   M 
_diffrn_radiation.monochromator                    ? 
_diffrn_radiation.pdbx_diffrn_protocol             'SINGLE WAVELENGTH' 
_diffrn_radiation.pdbx_scattering_type             x-ray 
# 
_diffrn_radiation_wavelength.id           1 
_diffrn_radiation_wavelength.wavelength   0.91963 
_diffrn_radiation_wavelength.wt           1.0 
# 
_diffrn_source.diffrn_id                   1 
_diffrn_source.source                      SYNCHROTRON 
_diffrn_source.type                        'APS BEAMLINE 24-ID-C' 
_diffrn_source.pdbx_synchrotron_site       APS 
_diffrn_source.pdbx_synchrotron_beamline   24-ID-C 
_diffrn_source.pdbx_wavelength             ? 
_diffrn_source.pdbx_wavelength_list        0.91963 
# 
_reflns.pdbx_diffrn_id               1 
_reflns.pdbx_ordinal                 1 
_reflns.entry_id                     3SGN 
_reflns.observed_criterion_sigma_I   ? 
_reflns.observed_criterion_sigma_F   ? 
_reflns.d_resolution_low             50.000 
_reflns.d_resolution_high            2.800 
_reflns.number_obs                   2765 
_reflns.number_all                   ? 
_reflns.percent_possible_obs         100.000 
_reflns.pdbx_Rmerge_I_obs            0.090 
_reflns.pdbx_Rsym_value              ? 
_reflns.pdbx_netI_over_sigmaI        9.800 
_reflns.B_iso_Wilson_estimate        ? 
_reflns.pdbx_redundancy              6.700 
_reflns.R_free_details               ? 
_reflns.limit_h_max                  ? 
_reflns.limit_h_min                  ? 
_reflns.limit_k_max                  ? 
_reflns.limit_k_min                  ? 
_reflns.limit_l_max                  ? 
_reflns.limit_l_min                  ? 
_reflns.observed_criterion_F_max     ? 
_reflns.observed_criterion_F_min     ? 
_reflns.pdbx_chi_squared             ? 
_reflns.pdbx_scaling_rejects         ? 
# 
loop_
_reflns_shell.pdbx_diffrn_id 
_reflns_shell.pdbx_ordinal 
_reflns_shell.d_res_high 
_reflns_shell.d_res_low 
_reflns_shell.percent_possible_all 
_reflns_shell.Rmerge_I_obs 
_reflns_shell.pdbx_Rsym_value 
_reflns_shell.meanI_over_sigI_obs 
_reflns_shell.pdbx_redundancy 
_reflns_shell.percent_possible_obs 
_reflns_shell.number_unique_all 
_reflns_shell.number_measured_all 
_reflns_shell.number_measured_obs 
_reflns_shell.number_unique_obs 
_reflns_shell.pdbx_chi_squared 
1 1  2.800 2.900  100.000 0.663 ? ? 6.900 ? ? ? ? ? ? 
1 2  2.900 3.020  100.000 0.425 ? ? 6.900 ? ? ? ? ? ? 
1 3  3.020 3.150  100.000 0.338 ? ? 6.900 ? ? ? ? ? ? 
1 4  3.150 3.320  100.000 0.200 ? ? 6.900 ? ? ? ? ? ? 
1 5  3.320 3.530  100.000 0.140 ? ? 6.900 ? ? ? ? ? ? 
1 6  3.530 3.800  100.000 0.096 ? ? 6.900 ? ? ? ? ? ? 
1 7  3.800 4.180  100.000 0.081 ? ? 6.600 ? ? ? ? ? ? 
1 8  4.180 4.790  100.000 0.072 ? ? 6.700 ? ? ? ? ? ? 
1 9  4.790 6.030  100.000 0.065 ? ? 6.400 ? ? ? ? ? ? 
1 10 6.030 50.000 100.000 0.079 ? ? 5.900 ? ? ? ? ? ? 
# 
_refine.pdbx_refine_id                           'X-RAY DIFFRACTION' 
_refine.entry_id                                 3SGN 
_refine.pdbx_diffrn_id                           1 
_refine.pdbx_TLS_residual_ADP_flag               ? 
_refine.ls_number_reflns_obs                     1473 
_refine.ls_number_reflns_all                     ? 
_refine.pdbx_ls_sigma_I                          ? 
_refine.pdbx_ls_sigma_F                          0.27 
_refine.pdbx_data_cutoff_high_absF               ? 
_refine.pdbx_data_cutoff_low_absF                ? 
_refine.pdbx_data_cutoff_high_rms_absF           ? 
_refine.ls_d_res_low                             35.171 
_refine.ls_d_res_high                            2.807 
_refine.ls_percent_reflns_obs                    97.68 
_refine.ls_R_factor_obs                          0.2120 
_refine.ls_R_factor_all                          ? 
_refine.ls_R_factor_R_work                       0.2103 
_refine.ls_R_factor_R_free                       0.2272 
_refine.ls_R_factor_R_free_error                 ? 
_refine.ls_R_factor_R_free_error_details         ? 
_refine.ls_percent_reflns_R_free                 10.18 
_refine.ls_number_reflns_R_free                  150 
_refine.ls_number_parameters                     ? 
_refine.ls_number_restraints                     ? 
_refine.occupancy_min                            0.450 
_refine.occupancy_max                            1.000 
_refine.correlation_coeff_Fo_to_Fc               ? 
_refine.correlation_coeff_Fo_to_Fc_free          ? 
_refine.B_iso_mean                               ? 
_refine.aniso_B[1][1]                            -0.0000 
_refine.aniso_B[2][2]                            0.0000 
_refine.aniso_B[3][3]                            -0.0000 
_refine.aniso_B[1][2]                            -0.0000 
_refine.aniso_B[1][3]                            -0.0000 
_refine.aniso_B[2][3]                            -0.0000 
_refine.solvent_model_details                    'FLAT BULK SOLVENT MODEL' 
_refine.solvent_model_param_ksol                 0.294 
_refine.solvent_model_param_bsol                 46.583 
_refine.pdbx_solvent_vdw_probe_radii             1.11 
_refine.pdbx_solvent_ion_probe_radii             ? 
_refine.pdbx_solvent_shrinkage_radii             0.90 
_refine.pdbx_ls_cross_valid_method               ? 
_refine.details                                  ? 
_refine.pdbx_starting_model                      ? 
_refine.pdbx_method_to_determine_struct          SAD 
_refine.pdbx_isotropic_thermal_model             ? 
_refine.pdbx_stereochemistry_target_values       ML 
_refine.pdbx_stereochem_target_val_spec_case     ? 
_refine.pdbx_R_Free_selection_details            ? 
_refine.pdbx_overall_ESU_R_Free                  ? 
_refine.overall_SU_ML                            0.74 
_refine.pdbx_overall_phase_error                 31.56 
_refine.overall_SU_B                             ? 
_refine.overall_SU_R_Cruickshank_DPI             ? 
_refine.pdbx_overall_SU_R_free_Cruickshank_DPI   ? 
_refine.pdbx_overall_SU_R_Blow_DPI               ? 
_refine.pdbx_overall_SU_R_free_Blow_DPI          ? 
_refine.ls_redundancy_reflns_obs                 ? 
_refine.pdbx_overall_ESU_R                       ? 
_refine.B_iso_min                                ? 
_refine.B_iso_max                                ? 
_refine.overall_SU_R_free                        ? 
_refine.ls_wR_factor_R_free                      ? 
_refine.ls_wR_factor_R_work                      ? 
_refine.overall_FOM_free_R_set                   ? 
_refine.overall_FOM_work_R_set                   ? 
# 
_refine_hist.pdbx_refine_id                   'X-RAY DIFFRACTION' 
_refine_hist.cycle_id                         LAST 
_refine_hist.pdbx_number_atoms_protein        170 
_refine_hist.pdbx_number_atoms_nucleic_acid   0 
_refine_hist.pdbx_number_atoms_ligand         0 
_refine_hist.number_atoms_solvent             2 
_refine_hist.number_atoms_total               172 
_refine_hist.d_res_high                       2.807 
_refine_hist.d_res_low                        35.171 
# 
loop_
_refine_ls_restr.type 
_refine_ls_restr.dev_ideal 
_refine_ls_restr.dev_ideal_target 
_refine_ls_restr.weight 
_refine_ls_restr.number 
_refine_ls_restr.pdbx_refine_id 
_refine_ls_restr.pdbx_restraint_function 
f_bond_d           0.011  ? ? 168 'X-RAY DIFFRACTION' ? 
f_angle_d          1.579  ? ? 224 'X-RAY DIFFRACTION' ? 
f_dihedral_angle_d 20.298 ? ? 62  'X-RAY DIFFRACTION' ? 
f_chiral_restr     0.070  ? ? 32  'X-RAY DIFFRACTION' ? 
f_plane_restr      0.004  ? ? 26  'X-RAY DIFFRACTION' ? 
# 
_refine_ls_shell.pdbx_refine_id                   'X-RAY DIFFRACTION' 
_refine_ls_shell.pdbx_total_number_of_bins_used   ? 
_refine_ls_shell.d_res_high                       2.8070 
_refine_ls_shell.d_res_low                        35.1737 
_refine_ls_shell.number_reflns_R_work             1323 
_refine_ls_shell.R_factor_R_work                  0.2103 
_refine_ls_shell.percent_reflns_obs               98.00 
_refine_ls_shell.R_factor_R_free                  0.2272 
_refine_ls_shell.R_factor_R_free_error            ? 
_refine_ls_shell.percent_reflns_R_free            ? 
_refine_ls_shell.number_reflns_R_free             150 
_refine_ls_shell.number_reflns_all                ? 
_refine_ls_shell.R_factor_all                     ? 
_refine_ls_shell.redundancy_reflns_obs            ? 
_refine_ls_shell.number_reflns_obs                ? 
# 
_struct.entry_id                  3SGN 
_struct.title                     'Bromoderivative-8 of amyloid-related segment of alphaB-crystallin residues 90-100' 
_struct.pdbx_model_details        ? 
_struct.pdbx_CASP_flag            ? 
_struct.pdbx_model_type_details   ? 
# 
_struct_keywords.entry_id        3SGN 
_struct_keywords.text            'amyloid, amyloid oligomer, beta cylindrin, PROTEIN FIBRIL' 
_struct_keywords.pdbx_keywords   'PROTEIN FIBRIL' 
# 
loop_
_struct_asym.id 
_struct_asym.pdbx_blank_PDB_chainid_flag 
_struct_asym.pdbx_modified 
_struct_asym.entity_id 
_struct_asym.details 
A N N 1 ? 
B N N 1 ? 
C N N 2 ? 
# 
_struct_ref.id                         1 
_struct_ref.db_name                    UNP 
_struct_ref.db_code                    CRYAB_HUMAN 
_struct_ref.pdbx_db_accession          P02511 
_struct_ref.entity_id                  1 
_struct_ref.pdbx_seq_one_letter_code   KVKVLGDVIEV 
_struct_ref.pdbx_align_begin           90 
_struct_ref.pdbx_db_isoform            ? 
# 
loop_
_struct_ref_seq.align_id 
_struct_ref_seq.ref_id 
_struct_ref_seq.pdbx_PDB_id_code 
_struct_ref_seq.pdbx_strand_id 
_struct_ref_seq.seq_align_beg 
_struct_ref_seq.pdbx_seq_align_beg_ins_code 
_struct_ref_seq.seq_align_end 
_struct_ref_seq.pdbx_seq_align_end_ins_code 
_struct_ref_seq.pdbx_db_accession 
_struct_ref_seq.db_align_beg 
_struct_ref_seq.pdbx_db_align_beg_ins_code 
_struct_ref_seq.db_align_end 
_struct_ref_seq.pdbx_db_align_end_ins_code 
_struct_ref_seq.pdbx_auth_seq_align_beg 
_struct_ref_seq.pdbx_auth_seq_align_end 
1 1 3SGN A 1 ? 11 ? P02511 90 ? 100 ? 1 11 
2 1 3SGN B 1 ? 11 ? P02511 90 ? 100 ? 1 11 
# 
_pdbx_struct_assembly.id                   1 
_pdbx_struct_assembly.details              author_and_software_defined_assembly 
_pdbx_struct_assembly.method_details       PISA 
_pdbx_struct_assembly.oligomeric_details   hexameric 
_pdbx_struct_assembly.oligomeric_count     6 
# 
loop_
_pdbx_struct_assembly_prop.biol_id 
_pdbx_struct_assembly_prop.type 
_pdbx_struct_assembly_prop.value 
_pdbx_struct_assembly_prop.details 
1 'ABSA (A^2)' 6170 ? 
1 MORE         -24  ? 
1 'SSA (A^2)'  4080 ? 
# 
_pdbx_struct_assembly_gen.assembly_id       1 
_pdbx_struct_assembly_gen.oper_expression   1,2,3 
_pdbx_struct_assembly_gen.asym_id_list      A,B,C 
# 
loop_
_pdbx_struct_oper_list.id 
_pdbx_struct_oper_list.type 
_pdbx_struct_oper_list.name 
_pdbx_struct_oper_list.symmetry_operation 
_pdbx_struct_oper_list.matrix[1][1] 
_pdbx_struct_oper_list.matrix[1][2] 
_pdbx_struct_oper_list.matrix[1][3] 
_pdbx_struct_oper_list.vector[1] 
_pdbx_struct_oper_list.matrix[2][1] 
_pdbx_struct_oper_list.matrix[2][2] 
_pdbx_struct_oper_list.matrix[2][3] 
_pdbx_struct_oper_list.vector[2] 
_pdbx_struct_oper_list.matrix[3][1] 
_pdbx_struct_oper_list.matrix[3][2] 
_pdbx_struct_oper_list.matrix[3][3] 
_pdbx_struct_oper_list.vector[3] 
1 'identity operation'         1_555  x,y,z             1.0000000000 0.0000000000  0.0000000000  0.0000000000 0.0000000000  1.0000000000  0.0000000000  0.0000000000 0.0000000000  0.0000000000  1.0000000000  0.0000000000  
2 'crystal symmetry operation' 6_566  z+1/2,-x+3/2,-y+1 0.5880382620 -0.2099256459 -0.7811160129 1.8961409106 -0.8033244615 -0.2640993392 -0.5337802438 6.5426278740 -0.0942380603 0.9413728073  -0.3239389229 -2.8596093294 
3 'crystal symmetry operation' 12_664 -y+3/2,-z+1,x-1/2 0.5880382620 -0.8033244615 -0.0942380603 3.8713655714 -0.2099256459 -0.2640993392 0.9413728073  4.8179107653 -0.7811160129 -0.5337802438 -0.3239389229 4.0470927637 
# 
_struct_biol.id        1 
_struct_biol.details   ? 
# 
loop_
_struct_conn.id 
_struct_conn.conn_type_id 
_struct_conn.pdbx_leaving_atom_flag 
_struct_conn.pdbx_PDB_id 
_struct_conn.ptnr1_label_asym_id 
_struct_conn.ptnr1_label_comp_id 
_struct_conn.ptnr1_label_seq_id 
_struct_conn.ptnr1_label_atom_id 
_struct_conn.pdbx_ptnr1_label_alt_id 
_struct_conn.pdbx_ptnr1_PDB_ins_code 
_struct_conn.pdbx_ptnr1_standard_comp_id 
_struct_conn.ptnr1_symmetry 
_struct_conn.ptnr2_label_asym_id 
_struct_conn.ptnr2_label_comp_id 
_struct_conn.ptnr2_label_seq_id 
_struct_conn.ptnr2_label_atom_id 
_struct_conn.pdbx_ptnr2_label_alt_id 
_struct_conn.pdbx_ptnr2_PDB_ins_code 
_struct_conn.ptnr1_auth_asym_id 
_struct_conn.ptnr1_auth_comp_id 
_struct_conn.ptnr1_auth_seq_id 
_struct_conn.ptnr2_auth_asym_id 
_struct_conn.ptnr2_auth_comp_id 
_struct_conn.ptnr2_auth_seq_id 
_struct_conn.ptnr2_symmetry 
_struct_conn.pdbx_ptnr3_label_atom_id 
_struct_conn.pdbx_ptnr3_label_seq_id 
_struct_conn.pdbx_ptnr3_label_comp_id 
_struct_conn.pdbx_ptnr3_label_asym_id 
_struct_conn.pdbx_ptnr3_label_alt_id 
_struct_conn.pdbx_ptnr3_PDB_ins_code 
_struct_conn.details 
_struct_conn.pdbx_dist_value 
_struct_conn.pdbx_value_order 
_struct_conn.pdbx_role 
covale1 covale both ? A A8E 8 C ? ? ? 1_555 A ILE 9 N ? ? A A8E 8 A ILE 9 1_555 ? ? ? ? ? ? ? 1.328 ? ? 
covale2 covale both ? B A8E 8 C ? ? ? 1_555 B ILE 9 N ? ? B A8E 8 B ILE 9 1_555 ? ? ? ? ? ? ? 1.327 ? ? 
# 
_struct_conn_type.id          covale 
_struct_conn_type.criteria    ? 
_struct_conn_type.reference   ? 
# 
loop_
_pdbx_modification_feature.ordinal 
_pdbx_modification_feature.label_comp_id 
_pdbx_modification_feature.label_asym_id 
_pdbx_modification_feature.label_seq_id 
_pdbx_modification_feature.label_alt_id 
_pdbx_modification_feature.modified_residue_label_comp_id 
_pdbx_modification_feature.modified_residue_label_asym_id 
_pdbx_modification_feature.modified_residue_label_seq_id 
_pdbx_modification_feature.modified_residue_label_alt_id 
_pdbx_modification_feature.auth_comp_id 
_pdbx_modification_feature.auth_asym_id 
_pdbx_modification_feature.auth_seq_id 
_pdbx_modification_feature.PDB_ins_code 
_pdbx_modification_feature.symmetry 
_pdbx_modification_feature.modified_residue_auth_comp_id 
_pdbx_modification_feature.modified_residue_auth_asym_id 
_pdbx_modification_feature.modified_residue_auth_seq_id 
_pdbx_modification_feature.modified_residue_PDB_ins_code 
_pdbx_modification_feature.modified_residue_symmetry 
_pdbx_modification_feature.comp_id_linking_atom 
_pdbx_modification_feature.modified_residue_id_linking_atom 
_pdbx_modification_feature.modified_residue_id 
_pdbx_modification_feature.ref_pcm_id 
_pdbx_modification_feature.ref_comp_id 
_pdbx_modification_feature.type 
_pdbx_modification_feature.category 
1 A8E A 8 ? . . . . A8E A 8 ? 1_555 . . . . . . . VAL 1 A8E None 'Non-standard residue' 
2 A8E B 8 ? . . . . A8E B 8 ? 1_555 . . . . . . . VAL 1 A8E None 'Non-standard residue' 
# 
_struct_sheet.id               A 
_struct_sheet.type             ? 
_struct_sheet.number_strands   2 
_struct_sheet.details          ? 
# 
_struct_sheet_order.sheet_id     A 
_struct_sheet_order.range_id_1   1 
_struct_sheet_order.range_id_2   2 
_struct_sheet_order.offset       ? 
_struct_sheet_order.sense        anti-parallel 
# 
loop_
_struct_sheet_range.sheet_id 
_struct_sheet_range.id 
_struct_sheet_range.beg_label_comp_id 
_struct_sheet_range.beg_label_asym_id 
_struct_sheet_range.beg_label_seq_id 
_struct_sheet_range.pdbx_beg_PDB_ins_code 
_struct_sheet_range.end_label_comp_id 
_struct_sheet_range.end_label_asym_id 
_struct_sheet_range.end_label_seq_id 
_struct_sheet_range.pdbx_end_PDB_ins_code 
_struct_sheet_range.beg_auth_comp_id 
_struct_sheet_range.beg_auth_asym_id 
_struct_sheet_range.beg_auth_seq_id 
_struct_sheet_range.end_auth_comp_id 
_struct_sheet_range.end_auth_asym_id 
_struct_sheet_range.end_auth_seq_id 
A 1 VAL A 2 ? GLU A 10 ? VAL A 2 GLU A 10 
A 2 VAL B 2 ? GLU B 10 ? VAL B 2 GLU B 10 
# 
_pdbx_struct_sheet_hbond.sheet_id                A 
_pdbx_struct_sheet_hbond.range_id_1              1 
_pdbx_struct_sheet_hbond.range_id_2              2 
_pdbx_struct_sheet_hbond.range_1_label_atom_id   N 
_pdbx_struct_sheet_hbond.range_1_label_comp_id   ASP 
_pdbx_struct_sheet_hbond.range_1_label_asym_id   A 
_pdbx_struct_sheet_hbond.range_1_label_seq_id    7 
_pdbx_struct_sheet_hbond.range_1_PDB_ins_code    ? 
_pdbx_struct_sheet_hbond.range_1_auth_atom_id    N 
_pdbx_struct_sheet_hbond.range_1_auth_comp_id    ASP 
_pdbx_struct_sheet_hbond.range_1_auth_asym_id    A 
_pdbx_struct_sheet_hbond.range_1_auth_seq_id     7 
_pdbx_struct_sheet_hbond.range_2_label_atom_id   O 
_pdbx_struct_sheet_hbond.range_2_label_comp_id   LEU 
_pdbx_struct_sheet_hbond.range_2_label_asym_id   B 
_pdbx_struct_sheet_hbond.range_2_label_seq_id    5 
_pdbx_struct_sheet_hbond.range_2_PDB_ins_code    ? 
_pdbx_struct_sheet_hbond.range_2_auth_atom_id    O 
_pdbx_struct_sheet_hbond.range_2_auth_comp_id    LEU 
_pdbx_struct_sheet_hbond.range_2_auth_asym_id    B 
_pdbx_struct_sheet_hbond.range_2_auth_seq_id     5 
# 
_pdbx_entry_details.entry_id                   3SGN 
_pdbx_entry_details.compound_details           ? 
_pdbx_entry_details.source_details             ? 
_pdbx_entry_details.nonpolymer_details         ? 
_pdbx_entry_details.sequence_details           ? 
_pdbx_entry_details.has_ligand_of_interest     ? 
_pdbx_entry_details.has_protein_modification   Y 
# 
loop_
_pdbx_struct_mod_residue.id 
_pdbx_struct_mod_residue.label_asym_id 
_pdbx_struct_mod_residue.label_comp_id 
_pdbx_struct_mod_residue.label_seq_id 
_pdbx_struct_mod_residue.auth_asym_id 
_pdbx_struct_mod_residue.auth_comp_id 
_pdbx_struct_mod_residue.auth_seq_id 
_pdbx_struct_mod_residue.PDB_ins_code 
_pdbx_struct_mod_residue.parent_comp_id 
_pdbx_struct_mod_residue.details 
1 A A8E 8 A A8E 8 ? VAL '(2S)-2-AMINO-4-BROMOPENT-4-ENOIC ACID' 
2 B A8E 8 B A8E 8 ? VAL '(2S)-2-AMINO-4-BROMOPENT-4-ENOIC ACID' 
# 
_phasing.method   SAD 
# 
loop_
_chem_comp_atom.comp_id 
_chem_comp_atom.atom_id 
_chem_comp_atom.type_symbol 
_chem_comp_atom.pdbx_aromatic_flag 
_chem_comp_atom.pdbx_stereo_config 
_chem_comp_atom.pdbx_ordinal 
A8E O    O  N N 1   
A8E C    C  N N 2   
A8E N    N  N N 3   
A8E OXT  O  N N 4   
A8E BR   BR N N 5   
A8E CA   C  N S 6   
A8E CB   C  N N 7   
A8E CG   C  N N 8   
A8E CD1  C  N N 9   
A8E H    H  N N 10  
A8E H2   H  N N 11  
A8E HXT  H  N N 12  
A8E HA   H  N N 13  
A8E HB   H  N N 14  
A8E HBA  H  N N 15  
A8E HD1  H  N N 16  
A8E HD1A H  N N 17  
ASP N    N  N N 18  
ASP CA   C  N S 19  
ASP C    C  N N 20  
ASP O    O  N N 21  
ASP CB   C  N N 22  
ASP CG   C  N N 23  
ASP OD1  O  N N 24  
ASP OD2  O  N N 25  
ASP OXT  O  N N 26  
ASP H    H  N N 27  
ASP H2   H  N N 28  
ASP HA   H  N N 29  
ASP HB2  H  N N 30  
ASP HB3  H  N N 31  
ASP HD2  H  N N 32  
ASP HXT  H  N N 33  
GLU N    N  N N 34  
GLU CA   C  N S 35  
GLU C    C  N N 36  
GLU O    O  N N 37  
GLU CB   C  N N 38  
GLU CG   C  N N 39  
GLU CD   C  N N 40  
GLU OE1  O  N N 41  
GLU OE2  O  N N 42  
GLU OXT  O  N N 43  
GLU H    H  N N 44  
GLU H2   H  N N 45  
GLU HA   H  N N 46  
GLU HB2  H  N N 47  
GLU HB3  H  N N 48  
GLU HG2  H  N N 49  
GLU HG3  H  N N 50  
GLU HE2  H  N N 51  
GLU HXT  H  N N 52  
GLY N    N  N N 53  
GLY CA   C  N N 54  
GLY C    C  N N 55  
GLY O    O  N N 56  
GLY OXT  O  N N 57  
GLY H    H  N N 58  
GLY H2   H  N N 59  
GLY HA2  H  N N 60  
GLY HA3  H  N N 61  
GLY HXT  H  N N 62  
HOH O    O  N N 63  
HOH H1   H  N N 64  
HOH H2   H  N N 65  
ILE N    N  N N 66  
ILE CA   C  N S 67  
ILE C    C  N N 68  
ILE O    O  N N 69  
ILE CB   C  N S 70  
ILE CG1  C  N N 71  
ILE CG2  C  N N 72  
ILE CD1  C  N N 73  
ILE OXT  O  N N 74  
ILE H    H  N N 75  
ILE H2   H  N N 76  
ILE HA   H  N N 77  
ILE HB   H  N N 78  
ILE HG12 H  N N 79  
ILE HG13 H  N N 80  
ILE HG21 H  N N 81  
ILE HG22 H  N N 82  
ILE HG23 H  N N 83  
ILE HD11 H  N N 84  
ILE HD12 H  N N 85  
ILE HD13 H  N N 86  
ILE HXT  H  N N 87  
LEU N    N  N N 88  
LEU CA   C  N S 89  
LEU C    C  N N 90  
LEU O    O  N N 91  
LEU CB   C  N N 92  
LEU CG   C  N N 93  
LEU CD1  C  N N 94  
LEU CD2  C  N N 95  
LEU OXT  O  N N 96  
LEU H    H  N N 97  
LEU H2   H  N N 98  
LEU HA   H  N N 99  
LEU HB2  H  N N 100 
LEU HB3  H  N N 101 
LEU HG   H  N N 102 
LEU HD11 H  N N 103 
LEU HD12 H  N N 104 
LEU HD13 H  N N 105 
LEU HD21 H  N N 106 
LEU HD22 H  N N 107 
LEU HD23 H  N N 108 
LEU HXT  H  N N 109 
LYS N    N  N N 110 
LYS CA   C  N S 111 
LYS C    C  N N 112 
LYS O    O  N N 113 
LYS CB   C  N N 114 
LYS CG   C  N N 115 
LYS CD   C  N N 116 
LYS CE   C  N N 117 
LYS NZ   N  N N 118 
LYS OXT  O  N N 119 
LYS H    H  N N 120 
LYS H2   H  N N 121 
LYS HA   H  N N 122 
LYS HB2  H  N N 123 
LYS HB3  H  N N 124 
LYS HG2  H  N N 125 
LYS HG3  H  N N 126 
LYS HD2  H  N N 127 
LYS HD3  H  N N 128 
LYS HE2  H  N N 129 
LYS HE3  H  N N 130 
LYS HZ1  H  N N 131 
LYS HZ2  H  N N 132 
LYS HZ3  H  N N 133 
LYS HXT  H  N N 134 
VAL N    N  N N 135 
VAL CA   C  N S 136 
VAL C    C  N N 137 
VAL O    O  N N 138 
VAL CB   C  N N 139 
VAL CG1  C  N N 140 
VAL CG2  C  N N 141 
VAL OXT  O  N N 142 
VAL H    H  N N 143 
VAL H2   H  N N 144 
VAL HA   H  N N 145 
VAL HB   H  N N 146 
VAL HG11 H  N N 147 
VAL HG12 H  N N 148 
VAL HG13 H  N N 149 
VAL HG21 H  N N 150 
VAL HG22 H  N N 151 
VAL HG23 H  N N 152 
VAL HXT  H  N N 153 
# 
loop_
_chem_comp_bond.comp_id 
_chem_comp_bond.atom_id_1 
_chem_comp_bond.atom_id_2 
_chem_comp_bond.value_order 
_chem_comp_bond.pdbx_aromatic_flag 
_chem_comp_bond.pdbx_stereo_config 
_chem_comp_bond.pdbx_ordinal 
A8E OXT C    sing N N 1   
A8E CA  C    sing N N 2   
A8E C   O    doub N N 3   
A8E N   CA   sing N N 4   
A8E N   H    sing N N 5   
A8E N   H2   sing N N 6   
A8E OXT HXT  sing N N 7   
A8E CG  BR   sing N N 8   
A8E CA  CB   sing N N 9   
A8E CA  HA   sing N N 10  
A8E CG  CB   sing N N 11  
A8E CB  HB   sing N N 12  
A8E CB  HBA  sing N N 13  
A8E CD1 CG   doub N N 14  
A8E CD1 HD1  sing N N 15  
A8E CD1 HD1A sing N N 16  
ASP N   CA   sing N N 17  
ASP N   H    sing N N 18  
ASP N   H2   sing N N 19  
ASP CA  C    sing N N 20  
ASP CA  CB   sing N N 21  
ASP CA  HA   sing N N 22  
ASP C   O    doub N N 23  
ASP C   OXT  sing N N 24  
ASP CB  CG   sing N N 25  
ASP CB  HB2  sing N N 26  
ASP CB  HB3  sing N N 27  
ASP CG  OD1  doub N N 28  
ASP CG  OD2  sing N N 29  
ASP OD2 HD2  sing N N 30  
ASP OXT HXT  sing N N 31  
GLU N   CA   sing N N 32  
GLU N   H    sing N N 33  
GLU N   H2   sing N N 34  
GLU CA  C    sing N N 35  
GLU CA  CB   sing N N 36  
GLU CA  HA   sing N N 37  
GLU C   O    doub N N 38  
GLU C   OXT  sing N N 39  
GLU CB  CG   sing N N 40  
GLU CB  HB2  sing N N 41  
GLU CB  HB3  sing N N 42  
GLU CG  CD   sing N N 43  
GLU CG  HG2  sing N N 44  
GLU CG  HG3  sing N N 45  
GLU CD  OE1  doub N N 46  
GLU CD  OE2  sing N N 47  
GLU OE2 HE2  sing N N 48  
GLU OXT HXT  sing N N 49  
GLY N   CA   sing N N 50  
GLY N   H    sing N N 51  
GLY N   H2   sing N N 52  
GLY CA  C    sing N N 53  
GLY CA  HA2  sing N N 54  
GLY CA  HA3  sing N N 55  
GLY C   O    doub N N 56  
GLY C   OXT  sing N N 57  
GLY OXT HXT  sing N N 58  
HOH O   H1   sing N N 59  
HOH O   H2   sing N N 60  
ILE N   CA   sing N N 61  
ILE N   H    sing N N 62  
ILE N   H2   sing N N 63  
ILE CA  C    sing N N 64  
ILE CA  CB   sing N N 65  
ILE CA  HA   sing N N 66  
ILE C   O    doub N N 67  
ILE C   OXT  sing N N 68  
ILE CB  CG1  sing N N 69  
ILE CB  CG2  sing N N 70  
ILE CB  HB   sing N N 71  
ILE CG1 CD1  sing N N 72  
ILE CG1 HG12 sing N N 73  
ILE CG1 HG13 sing N N 74  
ILE CG2 HG21 sing N N 75  
ILE CG2 HG22 sing N N 76  
ILE CG2 HG23 sing N N 77  
ILE CD1 HD11 sing N N 78  
ILE CD1 HD12 sing N N 79  
ILE CD1 HD13 sing N N 80  
ILE OXT HXT  sing N N 81  
LEU N   CA   sing N N 82  
LEU N   H    sing N N 83  
LEU N   H2   sing N N 84  
LEU CA  C    sing N N 85  
LEU CA  CB   sing N N 86  
LEU CA  HA   sing N N 87  
LEU C   O    doub N N 88  
LEU C   OXT  sing N N 89  
LEU CB  CG   sing N N 90  
LEU CB  HB2  sing N N 91  
LEU CB  HB3  sing N N 92  
LEU CG  CD1  sing N N 93  
LEU CG  CD2  sing N N 94  
LEU CG  HG   sing N N 95  
LEU CD1 HD11 sing N N 96  
LEU CD1 HD12 sing N N 97  
LEU CD1 HD13 sing N N 98  
LEU CD2 HD21 sing N N 99  
LEU CD2 HD22 sing N N 100 
LEU CD2 HD23 sing N N 101 
LEU OXT HXT  sing N N 102 
LYS N   CA   sing N N 103 
LYS N   H    sing N N 104 
LYS N   H2   sing N N 105 
LYS CA  C    sing N N 106 
LYS CA  CB   sing N N 107 
LYS CA  HA   sing N N 108 
LYS C   O    doub N N 109 
LYS C   OXT  sing N N 110 
LYS CB  CG   sing N N 111 
LYS CB  HB2  sing N N 112 
LYS CB  HB3  sing N N 113 
LYS CG  CD   sing N N 114 
LYS CG  HG2  sing N N 115 
LYS CG  HG3  sing N N 116 
LYS CD  CE   sing N N 117 
LYS CD  HD2  sing N N 118 
LYS CD  HD3  sing N N 119 
LYS CE  NZ   sing N N 120 
LYS CE  HE2  sing N N 121 
LYS CE  HE3  sing N N 122 
LYS NZ  HZ1  sing N N 123 
LYS NZ  HZ2  sing N N 124 
LYS NZ  HZ3  sing N N 125 
LYS OXT HXT  sing N N 126 
VAL N   CA   sing N N 127 
VAL N   H    sing N N 128 
VAL N   H2   sing N N 129 
VAL CA  C    sing N N 130 
VAL CA  CB   sing N N 131 
VAL CA  HA   sing N N 132 
VAL C   O    doub N N 133 
VAL C   OXT  sing N N 134 
VAL CB  CG1  sing N N 135 
VAL CB  CG2  sing N N 136 
VAL CB  HB   sing N N 137 
VAL CG1 HG11 sing N N 138 
VAL CG1 HG12 sing N N 139 
VAL CG1 HG13 sing N N 140 
VAL CG2 HG21 sing N N 141 
VAL CG2 HG22 sing N N 142 
VAL CG2 HG23 sing N N 143 
VAL OXT HXT  sing N N 144 
# 
_atom_sites.entry_id                    3SGN 
_atom_sites.fract_transf_matrix[1][1]   -0.00402430 
_atom_sites.fract_transf_matrix[1][2]   0.01352739 
_atom_sites.fract_transf_matrix[1][3]   -0.00170565 
_atom_sites.fract_transf_matrix[2][1]   0.00387388 
_atom_sites.fract_transf_matrix[2][2]   -0.00057069 
_atom_sites.fract_transf_matrix[2][3]   -0.01366609 
_atom_sites.fract_transf_matrix[3][1]   -0.01307259 
_atom_sites.fract_transf_matrix[3][2]   -0.00433343 
_atom_sites.fract_transf_matrix[3][3]   -0.00352468 
_atom_sites.fract_transf_vector[1]      0.582302 
_atom_sites.fract_transf_vector[2]      0.874980 
_atom_sites.fract_transf_vector[3]      0.168062 
# 
loop_
_atom_type.symbol 
BR 
C  
N  
O  
# 
loop_
_atom_site.group_PDB 
_atom_site.id 
_atom_site.type_symbol 
_atom_site.label_atom_id 
_atom_site.label_alt_id 
_atom_site.label_comp_id 
_atom_site.label_asym_id 
_atom_site.label_entity_id 
_atom_site.label_seq_id 
_atom_site.pdbx_PDB_ins_code 
_atom_site.Cartn_x 
_atom_site.Cartn_y 
_atom_site.Cartn_z 
_atom_site.occupancy 
_atom_site.B_iso_or_equiv 
_atom_site.pdbx_formal_charge 
_atom_site.auth_seq_id 
_atom_site.auth_comp_id 
_atom_site.auth_asym_id 
_atom_site.auth_atom_id 
_atom_site.pdbx_PDB_model_num 
ATOM   1   N  N   . LYS A 1 1  ? 7.799   -0.428 -14.760 1.00 82.22  ? 1  LYS A N   1 
ATOM   2   C  CA  . LYS A 1 1  ? 7.879   0.556  -13.685 1.00 79.32  ? 1  LYS A CA  1 
ATOM   3   C  C   . LYS A 1 1  ? 7.377   -0.038 -12.370 1.00 80.08  ? 1  LYS A C   1 
ATOM   4   O  O   . LYS A 1 1  ? 6.530   -0.930 -12.364 1.00 82.24  ? 1  LYS A O   1 
ATOM   5   C  CB  . LYS A 1 1  ? 7.093   1.825  -14.050 1.00 77.31  ? 1  LYS A CB  1 
ATOM   6   C  CG  . LYS A 1 1  ? 7.169   2.953  -13.002 1.00 77.33  ? 1  LYS A CG  1 
ATOM   7   C  CD  . LYS A 1 1  ? 6.633   4.302  -13.537 1.00 78.19  ? 1  LYS A CD  1 
ATOM   8   C  CE  . LYS A 1 1  ? 6.710   5.416  -12.469 1.00 82.75  ? 1  LYS A CE  1 
ATOM   9   N  NZ  . LYS A 1 1  ? 6.551   6.823  -13.012 1.00 88.59  ? 1  LYS A NZ  1 
ATOM   10  N  N   . VAL A 1 2  ? 7.909   0.448  -11.255 1.00 77.18  ? 2  VAL A N   1 
ATOM   11  C  CA  . VAL A 1 2  ? 7.449   -0.002 -9.950  1.00 75.19  ? 2  VAL A CA  1 
ATOM   12  C  C   . VAL A 1 2  ? 6.672   1.105  -9.249  1.00 75.94  ? 2  VAL A C   1 
ATOM   13  O  O   . VAL A 1 2  ? 7.178   2.217  -9.055  1.00 76.98  ? 2  VAL A O   1 
ATOM   14  C  CB  . VAL A 1 2  ? 8.620   -0.457 -9.073  1.00 73.03  ? 2  VAL A CB  1 
ATOM   15  C  CG1 . VAL A 1 2  ? 8.123   -1.078 -7.788  1.00 71.19  ? 2  VAL A CG1 1 
ATOM   16  C  CG2 . VAL A 1 2  ? 9.461   -1.448 -9.828  1.00 76.96  ? 2  VAL A CG2 1 
ATOM   17  N  N   . LYS A 1 3  ? 5.431   0.795  -8.895  1.00 73.84  ? 3  LYS A N   1 
ATOM   18  C  CA  . LYS A 1 3  ? 4.589   1.704  -8.136  1.00 72.50  ? 3  LYS A CA  1 
ATOM   19  C  C   . LYS A 1 3  ? 4.291   1.082  -6.787  1.00 72.45  ? 3  LYS A C   1 
ATOM   20  O  O   . LYS A 1 3  ? 4.657   -0.056 -6.518  1.00 73.35  ? 3  LYS A O   1 
ATOM   21  C  CB  . LYS A 1 3  ? 3.277   1.941  -8.872  1.00 68.73  ? 3  LYS A CB  1 
ATOM   22  C  CG  . LYS A 1 3  ? 3.463   2.558  -10.209 1.00 72.03  ? 3  LYS A CG  1 
ATOM   23  C  CD  . LYS A 1 3  ? 3.772   4.021  -10.067 1.00 75.13  ? 3  LYS A CD  1 
ATOM   24  C  CE  . LYS A 1 3  ? 2.516   4.764  -9.679  1.00 76.31  ? 3  LYS A CE  1 
ATOM   25  N  NZ  . LYS A 1 3  ? 2.637   6.239  -9.911  1.00 78.88  ? 3  LYS A NZ  1 
ATOM   26  N  N   . VAL A 1 4  ? 3.604   1.817  -5.934  1.00 70.57  ? 4  VAL A N   1 
ATOM   27  C  CA  . VAL A 1 4  ? 3.123   1.222  -4.711  1.00 69.01  ? 4  VAL A CA  1 
ATOM   28  C  C   . VAL A 1 4  ? 1.595   1.259  -4.721  1.00 70.59  ? 4  VAL A C   1 
ATOM   29  O  O   . VAL A 1 4  ? 0.994   2.301  -5.019  1.00 71.09  ? 4  VAL A O   1 
ATOM   30  C  CB  . VAL A 1 4  ? 3.719   1.941  -3.502  1.00 69.79  ? 4  VAL A CB  1 
ATOM   31  C  CG1 . VAL A 1 4  ? 3.041   1.504  -2.218  1.00 68.86  ? 4  VAL A CG1 1 
ATOM   32  C  CG2 . VAL A 1 4  ? 5.222   1.681  -3.453  1.00 71.53  ? 4  VAL A CG2 1 
ATOM   33  N  N   . LEU A 1 5  ? 0.980   0.106  -4.452  1.00 70.28  ? 5  LEU A N   1 
ATOM   34  C  CA  . LEU A 1 5  ? -0.473  -0.007 -4.311  1.00 69.02  ? 5  LEU A CA  1 
ATOM   35  C  C   . LEU A 1 5  ? -0.786  -0.498 -2.906  1.00 68.61  ? 5  LEU A C   1 
ATOM   36  O  O   . LEU A 1 5  ? -0.263  -1.521 -2.473  1.00 72.70  ? 5  LEU A O   1 
ATOM   37  C  CB  . LEU A 1 5  ? -1.047  -0.977 -5.344  1.00 66.74  ? 5  LEU A CB  1 
ATOM   38  C  CG  . LEU A 1 5  ? -2.559  -1.137 -5.245  1.00 67.90  ? 5  LEU A CG  1 
ATOM   39  C  CD1 . LEU A 1 5  ? -3.260  0.149  -5.638  1.00 64.72  ? 5  LEU A CD1 1 
ATOM   40  C  CD2 . LEU A 1 5  ? -3.021  -2.276 -6.104  1.00 64.75  ? 5  LEU A CD2 1 
ATOM   41  N  N   . GLY A 1 6  ? -1.618  0.223  -2.174  1.00 65.09  ? 6  GLY A N   1 
ATOM   42  C  CA  . GLY A 1 6  ? -1.797  -0.128 -0.785  1.00 67.27  ? 6  GLY A CA  1 
ATOM   43  C  C   . GLY A 1 6  ? -3.189  0.152  -0.296  1.00 70.98  ? 6  GLY A C   1 
ATOM   44  O  O   . GLY A 1 6  ? -3.985  0.771  -0.992  1.00 71.80  ? 6  GLY A O   1 
ATOM   45  N  N   . ASP A 1 7  ? -3.489  -0.304 0.914   1.00 71.73  ? 7  ASP A N   1 
ATOM   46  C  CA  . ASP A 1 7  ? -4.799  -0.063 1.502   1.00 72.52  ? 7  ASP A CA  1 
ATOM   47  C  C   . ASP A 1 7  ? -4.668  0.719  2.793   1.00 73.39  ? 7  ASP A C   1 
ATOM   48  O  O   . ASP A 1 7  ? -3.607  0.715  3.428   1.00 73.29  ? 7  ASP A O   1 
ATOM   49  C  CB  . ASP A 1 7  ? -5.491  -1.380 1.841   1.00 75.29  ? 7  ASP A CB  1 
ATOM   50  C  CG  . ASP A 1 7  ? -5.777  -2.234 0.627   1.00 80.34  ? 7  ASP A CG  1 
ATOM   51  O  OD1 . ASP A 1 7  ? -6.890  -2.094 0.053   1.00 80.80  ? 7  ASP A OD1 1 
ATOM   52  O  OD2 . ASP A 1 7  ? -4.894  -3.062 0.277   1.00 79.89  ? 7  ASP A OD2 1 
HETATM 53  O  O   . A8E A 1 8  ? -7.153  0.029  5.078   1.00 77.49  ? 8  A8E A O   1 
HETATM 54  C  C   . A8E A 1 8  ? -6.252  0.800  5.406   1.00 75.50  ? 8  A8E A C   1 
HETATM 55  N  N   . A8E A 1 8  ? -5.755  1.375  3.187   1.00 74.05  ? 8  A8E A N   1 
HETATM 56  BR BR  . A8E A 1 8  ? -5.543  5.203  3.818   0.50 70.43  ? 8  A8E A BR  1 
HETATM 57  C  CA  . A8E A 1 8  ? -5.860  1.940  4.500   1.00 73.43  ? 8  A8E A CA  1 
HETATM 58  C  CB  . A8E A 1 8  ? -6.938  2.984  4.578   1.00 70.69  ? 8  A8E A CB  1 
HETATM 59  C  CG  . A8E A 1 8  ? -7.110  4.124  3.634   1.00 67.18  ? 8  A8E A CG  1 
HETATM 60  C  CD1 . A8E A 1 8  ? -7.203  3.674  2.222   1.00 74.37  ? 8  A8E A CD1 1 
ATOM   61  N  N   . ILE A 1 9  ? -5.609  0.679  6.562   1.00 74.71  ? 9  ILE A N   1 
ATOM   62  C  CA  . ILE A 1 9  ? -6.019  -0.329 7.542   1.00 74.04  ? 9  ILE A CA  1 
ATOM   63  C  C   . ILE A 1 9  ? -6.253  0.250  8.938   1.00 77.67  ? 9  ILE A C   1 
ATOM   64  O  O   . ILE A 1 9  ? -5.612  1.223  9.345   1.00 79.63  ? 9  ILE A O   1 
ATOM   65  C  CB  . ILE A 1 9  ? -4.996  -1.455 7.634   1.00 71.03  ? 9  ILE A CB  1 
ATOM   66  C  CG1 . ILE A 1 9  ? -3.604  -0.884 7.893   1.00 74.72  ? 9  ILE A CG1 1 
ATOM   67  C  CG2 . ILE A 1 9  ? -4.973  -2.210 6.356   1.00 69.93  ? 9  ILE A CG2 1 
ATOM   68  C  CD1 . ILE A 1 9  ? -2.515  -1.918 7.923   1.00 70.45  ? 9  ILE A CD1 1 
ATOM   69  N  N   . GLU A 1 10 ? -7.182  -0.352 9.672   1.00 79.68  ? 10 GLU A N   1 
ATOM   70  C  CA  . GLU A 1 10 ? -7.467  0.077  11.031  1.00 80.26  ? 10 GLU A CA  1 
ATOM   71  C  C   . GLU A 1 10 ? -6.526  -0.682 11.964  1.00 80.61  ? 10 GLU A C   1 
ATOM   72  O  O   . GLU A 1 10 ? -6.494  -1.911 11.965  1.00 80.60  ? 10 GLU A O   1 
ATOM   73  C  CB  . GLU A 1 10 ? -8.939  -0.206 11.361  1.00 87.26  ? 10 GLU A CB  1 
ATOM   74  C  CG  . GLU A 1 10 ? -9.380  0.188  12.768  1.00 94.35  ? 10 GLU A CG  1 
ATOM   75  C  CD  . GLU A 1 10 ? -9.827  1.637  12.861  1.00 100.93 ? 10 GLU A CD  1 
ATOM   76  O  OE1 . GLU A 1 10 ? -9.274  2.389  13.714  1.00 99.70  ? 10 GLU A OE1 1 
ATOM   77  O  OE2 . GLU A 1 10 ? -10.737 2.010  12.078  1.00 101.49 ? 10 GLU A OE2 1 
ATOM   78  N  N   . VAL A 1 11 ? -5.749  0.042  12.757  1.00 81.90  ? 11 VAL A N   1 
ATOM   79  C  CA  . VAL A 1 11 ? -4.712  -0.604 13.560  1.00 80.75  ? 11 VAL A CA  1 
ATOM   80  C  C   . VAL A 1 11 ? -4.714  -0.240 15.067  1.00 83.20  ? 11 VAL A C   1 
ATOM   81  O  O   . VAL A 1 11 ? -4.080  -0.931 15.873  1.00 81.30  ? 11 VAL A O   1 
ATOM   82  C  CB  . VAL A 1 11 ? -3.319  -0.369 12.929  1.00 78.89  ? 11 VAL A CB  1 
ATOM   83  C  CG1 . VAL A 1 11 ? -2.533  0.668  13.712  1.00 77.28  ? 11 VAL A CG1 1 
ATOM   84  C  CG2 . VAL A 1 11 ? -2.567  -1.674 12.821  1.00 76.00  ? 11 VAL A CG2 1 
ATOM   85  O  OXT . VAL A 1 11 ? -5.344  0.720  15.539  1.00 84.30  ? 11 VAL A OXT 1 
ATOM   86  N  N   . LYS B 1 1  ? -6.068  3.689  15.128  1.00 80.43  ? 1  LYS B N   1 
ATOM   87  C  CA  . LYS B 1 1  ? -5.209  4.447  14.224  1.00 78.27  ? 1  LYS B CA  1 
ATOM   88  C  C   . LYS B 1 1  ? -5.325  3.890  12.806  1.00 80.39  ? 1  LYS B C   1 
ATOM   89  O  O   . LYS B 1 1  ? -5.508  2.689  12.621  1.00 82.32  ? 1  LYS B O   1 
ATOM   90  C  CB  . LYS B 1 1  ? -3.752  4.399  14.703  1.00 76.38  ? 1  LYS B CB  1 
ATOM   91  C  CG  . LYS B 1 1  ? -2.810  5.433  14.063  1.00 75.01  ? 1  LYS B CG  1 
ATOM   92  C  CD  . LYS B 1 1  ? -1.387  5.298  14.645  1.00 79.97  ? 1  LYS B CD  1 
ATOM   93  C  CE  . LYS B 1 1  ? -0.517  6.566  14.504  1.00 83.71  ? 1  LYS B CE  1 
ATOM   94  N  NZ  . LYS B 1 1  ? -0.039  6.844  13.110  1.00 86.24  ? 1  LYS B NZ  1 
ATOM   95  N  N   . VAL B 1 2  ? -5.234  4.762  11.806  1.00 79.16  ? 2  VAL B N   1 
ATOM   96  C  CA  . VAL B 1 2  ? -5.249  4.320  10.413  1.00 75.85  ? 2  VAL B CA  1 
ATOM   97  C  C   . VAL B 1 2  ? -3.867  4.425  9.789   1.00 76.30  ? 2  VAL B C   1 
ATOM   98  O  O   . VAL B 1 2  ? -3.280  5.510  9.720   1.00 78.27  ? 2  VAL B O   1 
ATOM   99  C  CB  . VAL B 1 2  ? -6.204  5.150  9.556   1.00 73.92  ? 2  VAL B CB  1 
ATOM   100 C  CG1 . VAL B 1 2  ? -6.220  4.622  8.141   1.00 72.79  ? 2  VAL B CG1 1 
ATOM   101 C  CG2 . VAL B 1 2  ? -7.589  5.122  10.140  1.00 77.86  ? 2  VAL B CG2 1 
ATOM   102 N  N   . LYS B 1 3  ? -3.346  3.295  9.338   1.00 74.24  ? 3  LYS B N   1 
ATOM   103 C  CA  . LYS B 1 3  ? -2.072  3.280  8.642   1.00 73.81  ? 3  LYS B CA  1 
ATOM   104 C  C   . LYS B 1 3  ? -2.318  2.946  7.181   1.00 73.83  ? 3  LYS B C   1 
ATOM   105 O  O   . LYS B 1 3  ? -3.432  2.620  6.785   1.00 74.45  ? 3  LYS B O   1 
ATOM   106 C  CB  . LYS B 1 3  ? -1.139  2.238  9.259   1.00 70.26  ? 3  LYS B CB  1 
ATOM   107 C  CG  . LYS B 1 3  ? -0.868  2.465  10.704  1.00 71.11  ? 3  LYS B CG  1 
ATOM   108 C  CD  . LYS B 1 3  ? 0.071   3.617  10.878  1.00 75.32  ? 3  LYS B CD  1 
ATOM   109 C  CE  . LYS B 1 3  ? 1.480   3.170  10.575  1.00 77.50  ? 3  LYS B CE  1 
ATOM   110 N  NZ  . LYS B 1 3  ? 2.500   4.209  10.956  1.00 81.03  ? 3  LYS B NZ  1 
ATOM   111 N  N   . VAL B 1 4  ? -1.269  3.025  6.377   1.00 72.60  ? 4  VAL B N   1 
ATOM   112 C  CA  . VAL B 1 4  ? -1.317  2.485  5.036   1.00 69.60  ? 4  VAL B CA  1 
ATOM   113 C  C   . VAL B 1 4  ? -0.377  1.276  4.992   1.00 71.67  ? 4  VAL B C   1 
ATOM   114 O  O   . VAL B 1 4  ? 0.799   1.379  5.380   1.00 72.41  ? 4  VAL B O   1 
ATOM   115 C  CB  . VAL B 1 4  ? -0.907  3.556  4.015   1.00 69.71  ? 4  VAL B CB  1 
ATOM   116 C  CG1 . VAL B 1 4  ? -0.659  2.945  2.648   1.00 68.87  ? 4  VAL B CG1 1 
ATOM   117 C  CG2 . VAL B 1 4  ? -1.976  4.645  3.956   1.00 71.27  ? 4  VAL B CG2 1 
ATOM   118 N  N   . LEU B 1 5  ? -0.910  0.125  4.580   1.00 70.29  ? 5  LEU B N   1 
ATOM   119 C  CA  . LEU B 1 5  ? -0.090  -1.050 4.287   1.00 68.27  ? 5  LEU B CA  1 
ATOM   120 C  C   . LEU B 1 5  ? -0.182  -1.317 2.787   1.00 69.25  ? 5  LEU B C   1 
ATOM   121 O  O   . LEU B 1 5  ? -1.276  -1.307 2.217   1.00 72.13  ? 5  LEU B O   1 
ATOM   122 C  CB  . LEU B 1 5  ? -0.555  -2.262 5.100   1.00 64.54  ? 5  LEU B CB  1 
ATOM   123 C  CG  . LEU B 1 5  ? 0.260   -3.524 4.837   1.00 66.10  ? 5  LEU B CG  1 
ATOM   124 C  CD1 . LEU B 1 5  ? 1.698   -3.352 5.273   1.00 63.11  ? 5  LEU B CD1 1 
ATOM   125 C  CD2 . LEU B 1 5  ? -0.355  -4.695 5.527   1.00 61.70  ? 5  LEU B CD2 1 
ATOM   126 N  N   . GLY B 1 6  ? 0.957   -1.527 2.127   1.00 66.39  ? 6  GLY B N   1 
ATOM   127 C  CA  . GLY B 1 6  ? 0.946   -1.638 0.683   1.00 68.45  ? 6  GLY B CA  1 
ATOM   128 C  C   . GLY B 1 6  ? 2.051   -2.491 0.090   1.00 72.77  ? 6  GLY B C   1 
ATOM   129 O  O   . GLY B 1 6  ? 2.965   -2.931 0.797   1.00 73.59  ? 6  GLY B O   1 
ATOM   130 N  N   . ASP B 1 7  ? 1.970   -2.727 -1.215  1.00 72.09  ? 7  ASP B N   1 
ATOM   131 C  CA  . ASP B 1 7  ? 2.967   -3.546 -1.900  1.00 73.66  ? 7  ASP B CA  1 
ATOM   132 C  C   . ASP B 1 7  ? 3.619   -2.787 -3.045  1.00 74.33  ? 7  ASP B C   1 
ATOM   133 O  O   . ASP B 1 7  ? 3.036   -1.838 -3.588  1.00 74.08  ? 7  ASP B O   1 
ATOM   134 C  CB  . ASP B 1 7  ? 2.325   -4.800 -2.496  1.00 77.47  ? 7  ASP B CB  1 
ATOM   135 C  CG  . ASP B 1 7  ? 1.833   -5.779 -1.449  1.00 81.83  ? 7  ASP B CG  1 
ATOM   136 O  OD1 . ASP B 1 7  ? 2.668   -6.596 -0.957  1.00 81.48  ? 7  ASP B OD1 1 
ATOM   137 O  OD2 . ASP B 1 7  ? 0.604   -5.742 -1.159  1.00 79.18  ? 7  ASP B OD2 1 
HETATM 138 O  O   . A8E B 1 8  ? 4.639   -4.844 -5.586  1.00 77.21  ? 8  A8E B O   1 
HETATM 139 C  C   . A8E B 1 8  ? 4.781   -3.633 -5.735  1.00 75.74  ? 8  A8E B C   1 
HETATM 140 N  N   . A8E B 1 8  ? 4.822   -3.221 -3.419  1.00 75.22  ? 8  A8E B N   1 
HETATM 141 BR BR  . A8E B 1 8  ? 7.779   -0.816 -3.432  0.47 69.36  ? 8  A8E B BR  1 
HETATM 142 C  CA  . A8E B 1 8  ? 5.430   -2.803 -4.654  1.00 74.10  ? 8  A8E B CA  1 
HETATM 143 C  CB  . A8E B 1 8  ? 6.910   -3.080 -4.696  1.00 70.49  ? 8  A8E B CB  1 
HETATM 144 C  CG  . A8E B 1 8  ? 7.879   -2.719 -3.626  1.00 66.67  ? 8  A8E B CG  1 
HETATM 145 C  CD1 . A8E B 1 8  ? 7.512   -3.355 -2.335  1.00 71.38  ? 8  A8E B CD1 1 
ATOM   146 N  N   . ILE B 1 9  ? 4.394   -3.014 -6.844  1.00 73.92  ? 9  ILE B N   1 
ATOM   147 C  CA  . ILE B 1 9  ? 3.909   -3.788 -7.982  1.00 73.75  ? 9  ILE B CA  1 
ATOM   148 C  C   . ILE B 1 9  ? 4.636   -3.429 -9.273  1.00 75.97  ? 9  ILE B C   1 
ATOM   149 O  O   . ILE B 1 9  ? 5.072   -2.297 -9.464  1.00 79.17  ? 9  ILE B O   1 
ATOM   150 C  CB  . ILE B 1 9  ? 2.398   -3.619 -8.165  1.00 73.22  ? 9  ILE B CB  1 
ATOM   151 C  CG1 . ILE B 1 9  ? 2.045   -2.149 -8.362  1.00 76.12  ? 9  ILE B CG1 1 
ATOM   152 C  CG2 . ILE B 1 9  ? 1.677   -4.124 -6.952  1.00 72.23  ? 9  ILE B CG2 1 
ATOM   153 C  CD1 . ILE B 1 9  ? 0.565   -1.865 -8.284  1.00 72.81  ? 9  ILE B CD1 1 
ATOM   154 N  N   . GLU B 1 10 ? 4.783   -4.399 -10.159 1.00 77.47  ? 10 GLU B N   1 
ATOM   155 C  CA  . GLU B 1 10 ? 5.370   -4.118 -11.454 1.00 79.83  ? 10 GLU B CA  1 
ATOM   156 C  C   . GLU B 1 10 ? 4.244   -3.661 -12.357 1.00 79.33  ? 10 GLU B C   1 
ATOM   157 O  O   . GLU B 1 10 ? 3.194   -4.294 -12.429 1.00 78.51  ? 10 GLU B O   1 
ATOM   158 C  CB  . GLU B 1 10 ? 6.062   -5.363 -12.017 1.00 89.39  ? 10 GLU B CB  1 
ATOM   159 C  CG  . GLU B 1 10 ? 7.599   -5.328 -11.973 1.00 94.08  ? 10 GLU B CG  1 
ATOM   160 C  CD  . GLU B 1 10 ? 8.223   -5.086 -13.348 1.00 105.06 ? 10 GLU B CD  1 
ATOM   161 O  OE1 . GLU B 1 10 ? 8.577   -6.091 -14.013 1.00 111.64 ? 10 GLU B OE1 1 
ATOM   162 O  OE2 . GLU B 1 10 ? 8.354   -3.901 -13.761 1.00 101.07 ? 10 GLU B OE2 1 
ATOM   163 N  N   . VAL B 1 11 ? 4.462   -2.556 -13.052 1.00 81.90  ? 11 VAL B N   1 
ATOM   164 C  CA  . VAL B 1 11 ? 3.402   -1.957 -13.853 1.00 80.51  ? 11 VAL B CA  1 
ATOM   165 C  C   . VAL B 1 11 ? 3.856   -1.552 -15.280 1.00 84.08  ? 11 VAL B C   1 
ATOM   166 O  O   . VAL B 1 11 ? 5.045   -1.354 -15.581 1.00 85.17  ? 11 VAL B O   1 
ATOM   167 C  CB  . VAL B 1 11 ? 2.763   -0.768 -13.086 1.00 79.97  ? 11 VAL B CB  1 
ATOM   168 C  CG1 . VAL B 1 11 ? 2.999   0.545  -13.810 1.00 80.01  ? 11 VAL B CG1 1 
ATOM   169 C  CG2 . VAL B 1 11 ? 1.286   -1.018 -12.849 1.00 77.02  ? 11 VAL B CG2 1 
ATOM   170 O  OXT . VAL B 1 11 ? 3.037   -1.429 -16.200 1.00 82.42  ? 11 VAL B OXT 1 
HETATM 171 O  O   . HOH C 2 .  ? -8.188  0.554  1.207   1.00 72.50  ? 13 HOH A O   1 
HETATM 172 O  O   . HOH C 2 .  ? 7.696   4.674  -8.698  1.00 73.75  ? 14 HOH A O   1 
# 
